data_7WYF
#
_entry.id   7WYF
#
_cell.length_a   57.710
_cell.length_b   71.770
_cell.length_c   179.430
_cell.angle_alpha   90.000
_cell.angle_beta   90.000
_cell.angle_gamma   90.000
#
_symmetry.space_group_name_H-M   'I 2 2 2'
#
loop_
_entity.id
_entity.type
_entity.pdbx_description
1 polymer 'Dihydroorotate dehydrogenase (quinone), mitochondrial'
2 non-polymer 'FLAVIN MONONUCLEOTIDE'
3 non-polymer 'OROTIC ACID'
4 non-polymer 'ethyl 2-(naphthalen-2-ylamino)-4-oxidanylidene-furan-3-carboxylate'
5 water water
#
_entity_poly.entity_id   1
_entity_poly.type   'polypeptide(L)'
_entity_poly.pdbx_seq_one_letter_code
;MGHHHHHHAENLYFQGADPFESYNPEFFLYDIFLKFCLKYIDGEICHDLFLLLGKYNILPYDTSNDSIYACTNIKHLDFI
NPFGVAAGFDKNGVCIDSILKLGFSFIEIGTITPRGQTGNAKPRIFRDVESRSIINSCGFNNMGCDKVTENLILFRKRQE
EDKLLSKHIVGVSIGKNKDTVNIVDDLKYCINKIGRYADYIAINVSSPNTPGLRDNQEAGKLKNIILSVKEEIDNLEKNN
IMNDESTYNEDNKIVEKKNNFNKNNSHMMKDAKDNFLWFNTTKKKPLVFVKLAPDLNQEQKKEIADVLLETNIDGMIISN
TTTQINDIKSFENKKGGVSGAKLKDISTKFICEMYNYTNKQIPIIASGGIFSGLDALEKIEAGASVCQLYSCLVFNGMKS
AVQIKRELNHLLYQRGYYNLKEAIGRKHSKS
;
_entity_poly.pdbx_strand_id   A
#
# COMPACT_ATOMS: atom_id res chain seq x y z
N TYR A 23 -9.26 5.13 21.87
CA TYR A 23 -9.92 6.31 22.51
C TYR A 23 -8.98 6.86 23.59
N ASN A 24 -7.75 7.25 23.21
CA ASN A 24 -6.69 7.77 24.11
C ASN A 24 -6.66 9.30 24.08
N PRO A 25 -6.08 9.95 25.11
CA PRO A 25 -5.65 11.34 24.97
C PRO A 25 -4.51 11.48 23.96
N GLU A 26 -3.55 10.54 23.98
CA GLU A 26 -2.31 10.52 23.15
C GLU A 26 -2.64 10.85 21.67
N PHE A 27 -3.43 9.99 21.01
CA PHE A 27 -3.91 10.16 19.62
C PHE A 27 -4.39 11.60 19.46
N PHE A 28 -5.56 11.87 20.03
CA PHE A 28 -6.28 13.17 20.05
C PHE A 28 -5.28 14.34 20.20
N LEU A 29 -4.29 14.26 21.09
CA LEU A 29 -3.26 15.33 21.31
C LEU A 29 -2.42 15.55 20.04
N TYR A 30 -1.85 14.47 19.50
CA TYR A 30 -1.10 14.44 18.21
C TYR A 30 -2.02 14.97 17.11
N ASP A 31 -3.26 14.48 17.08
CA ASP A 31 -4.27 14.81 16.04
C ASP A 31 -4.79 16.23 16.26
N ILE A 32 -4.08 17.06 17.03
CA ILE A 32 -4.23 18.54 17.06
C ILE A 32 -2.98 19.11 16.38
N PHE A 33 -1.83 18.74 16.91
CA PHE A 33 -0.47 19.04 16.39
C PHE A 33 -0.51 18.91 14.87
N LEU A 34 -1.09 17.80 14.40
CA LEU A 34 -1.05 17.34 12.97
C LEU A 34 -2.02 18.16 12.11
N LYS A 35 -3.25 18.37 12.57
CA LYS A 35 -4.25 19.21 11.87
C LYS A 35 -3.74 20.66 11.84
N PHE A 36 -2.87 21.02 12.78
CA PHE A 36 -2.12 22.31 12.75
C PHE A 36 -1.17 22.26 11.55
N CYS A 37 -0.28 21.26 11.53
CA CYS A 37 0.70 20.98 10.44
C CYS A 37 0.01 21.15 9.07
N LEU A 38 -1.18 20.57 8.95
CA LEU A 38 -1.95 20.48 7.69
C LEU A 38 -2.58 21.84 7.32
N LYS A 39 -2.26 22.91 8.05
CA LYS A 39 -2.71 24.29 7.72
C LYS A 39 -1.51 25.24 7.53
N TYR A 40 -0.28 24.82 7.87
CA TYR A 40 0.86 25.76 8.05
C TYR A 40 2.20 25.21 7.53
N ILE A 41 2.51 23.97 7.68
CA ILE A 41 3.78 23.29 7.28
C ILE A 41 3.61 22.64 5.90
N ASP A 42 4.59 22.42 5.07
CA ASP A 42 4.67 21.61 3.82
C ASP A 42 4.22 20.20 4.20
N GLY A 43 3.70 19.44 3.25
CA GLY A 43 3.44 18.00 3.46
C GLY A 43 4.69 17.29 3.91
N GLU A 44 5.59 17.01 2.98
CA GLU A 44 6.88 16.31 3.24
C GLU A 44 7.36 16.69 4.65
N ILE A 45 7.45 17.97 4.99
CA ILE A 45 8.03 18.41 6.29
C ILE A 45 7.26 17.76 7.45
N CYS A 46 5.95 18.03 7.60
CA CYS A 46 5.05 17.31 8.53
C CYS A 46 5.38 15.82 8.50
N HIS A 47 5.36 15.24 7.30
CA HIS A 47 5.46 13.78 7.04
C HIS A 47 6.79 13.26 7.59
N ASP A 48 7.87 13.93 7.19
CA ASP A 48 9.26 13.58 7.57
C ASP A 48 9.44 13.84 9.07
N LEU A 49 8.76 14.85 9.64
CA LEU A 49 8.74 15.08 11.11
C LEU A 49 8.12 13.86 11.80
N PHE A 50 6.86 13.55 11.49
CA PHE A 50 6.11 12.42 12.10
C PHE A 50 6.79 11.08 11.77
N LEU A 51 7.38 10.94 10.58
CA LEU A 51 8.24 9.76 10.31
C LEU A 51 9.26 9.67 11.45
N LEU A 52 9.90 10.78 11.80
CA LEU A 52 11.05 10.83 12.76
C LEU A 52 10.62 10.32 14.15
N LEU A 53 9.61 10.94 14.77
CA LEU A 53 9.03 10.47 16.06
C LEU A 53 8.99 8.94 16.07
N GLY A 54 8.29 8.35 15.11
CA GLY A 54 7.99 6.90 15.06
C GLY A 54 9.22 6.02 14.94
N LYS A 55 10.35 6.55 14.46
CA LYS A 55 11.67 5.86 14.50
C LYS A 55 12.21 5.92 15.93
N TYR A 56 11.91 7.01 16.65
CA TYR A 56 12.23 7.26 18.07
C TYR A 56 11.05 6.83 18.95
N ASN A 57 10.06 6.17 18.34
CA ASN A 57 8.97 5.38 18.99
C ASN A 57 8.30 6.22 20.09
N ILE A 58 7.73 7.37 19.75
CA ILE A 58 6.96 8.27 20.66
C ILE A 58 5.54 8.45 20.11
N LEU A 59 5.14 7.62 19.13
CA LEU A 59 3.77 7.60 18.54
C LEU A 59 2.90 6.62 19.31
N PRO A 60 1.62 6.95 19.63
CA PRO A 60 0.76 6.08 20.42
C PRO A 60 0.45 4.74 19.74
N TYR A 61 0.20 3.70 20.55
CA TYR A 61 -0.07 2.31 20.07
C TYR A 61 -1.59 2.10 19.97
N ASP A 62 -2.00 1.10 19.18
CA ASP A 62 -3.33 0.46 19.25
C ASP A 62 -3.16 -1.05 19.54
N THR A 63 -3.39 -1.45 20.79
CA THR A 63 -3.07 -2.80 21.38
C THR A 63 -4.33 -3.66 21.52
N SER A 64 -5.50 -3.02 21.74
CA SER A 64 -6.82 -3.66 21.93
C SER A 64 -7.12 -4.63 20.78
N ASN A 65 -7.32 -5.91 21.12
CA ASN A 65 -7.47 -7.05 20.17
C ASN A 65 -8.53 -6.70 19.11
N ASP A 66 -8.23 -6.97 17.83
CA ASP A 66 -9.18 -6.84 16.69
C ASP A 66 -10.30 -7.87 16.89
N SER A 67 -11.39 -7.72 16.12
CA SER A 67 -12.54 -8.68 16.05
C SER A 67 -12.24 -9.73 14.97
N ILE A 68 -12.07 -11.00 15.33
CA ILE A 68 -11.65 -12.07 14.37
C ILE A 68 -12.55 -12.01 13.13
N TYR A 69 -13.77 -11.46 13.27
CA TYR A 69 -14.83 -11.37 12.22
C TYR A 69 -14.35 -10.42 11.11
N ALA A 70 -13.39 -9.55 11.42
CA ALA A 70 -12.64 -8.70 10.45
C ALA A 70 -11.21 -9.21 10.32
N CYS A 71 -11.02 -10.54 10.33
CA CYS A 71 -9.82 -11.23 9.79
C CYS A 71 -9.90 -11.20 8.27
N THR A 72 -8.77 -11.32 7.58
CA THR A 72 -8.72 -11.40 6.10
C THR A 72 -7.34 -11.87 5.62
N ASN A 73 -7.29 -12.36 4.37
CA ASN A 73 -6.11 -13.03 3.78
C ASN A 73 -6.18 -12.94 2.25
N ILE A 74 -5.01 -12.93 1.60
CA ILE A 74 -4.82 -13.17 0.14
C ILE A 74 -4.04 -14.48 0.01
N LYS A 75 -4.48 -15.39 -0.86
CA LYS A 75 -4.01 -16.81 -0.90
C LYS A 75 -3.76 -17.26 0.55
N HIS A 76 -2.49 -17.39 0.98
CA HIS A 76 -2.07 -17.95 2.29
C HIS A 76 -1.54 -16.84 3.21
N LEU A 77 -1.89 -15.58 2.92
CA LEU A 77 -1.31 -14.40 3.63
C LEU A 77 -2.35 -13.81 4.58
N ASP A 78 -2.13 -14.01 5.90
CA ASP A 78 -3.10 -13.78 7.00
C ASP A 78 -2.86 -12.40 7.63
N PHE A 79 -3.82 -11.49 7.42
CA PHE A 79 -3.84 -10.10 7.96
C PHE A 79 -4.85 -10.04 9.10
N ILE A 80 -4.35 -9.86 10.33
CA ILE A 80 -5.12 -9.88 11.61
C ILE A 80 -6.33 -8.94 11.53
N ASN A 81 -6.19 -7.83 10.81
CA ASN A 81 -7.27 -6.90 10.41
C ASN A 81 -7.02 -6.50 8.95
N PRO A 82 -7.98 -5.84 8.25
CA PRO A 82 -7.83 -5.61 6.81
C PRO A 82 -7.03 -4.35 6.42
N PHE A 83 -6.60 -3.56 7.40
CA PHE A 83 -6.08 -2.19 7.18
C PHE A 83 -4.56 -2.12 7.27
N GLY A 84 -3.94 -1.72 6.16
CA GLY A 84 -2.49 -1.43 6.10
C GLY A 84 -2.18 0.01 5.72
N VAL A 85 -0.89 0.35 5.74
CA VAL A 85 -0.30 1.63 5.25
C VAL A 85 0.25 1.46 3.83
N ALA A 86 -0.20 2.26 2.88
CA ALA A 86 0.05 2.09 1.42
C ALA A 86 1.52 2.38 1.12
N ALA A 87 1.94 2.01 -0.08
CA ALA A 87 3.32 2.17 -0.58
C ALA A 87 3.65 3.65 -0.74
N GLY A 88 4.89 4.03 -0.43
CA GLY A 88 5.41 5.40 -0.57
C GLY A 88 5.18 6.23 0.67
N PHE A 89 4.71 5.64 1.75
CA PHE A 89 4.48 6.32 3.05
C PHE A 89 5.77 6.23 3.86
N ASP A 90 6.24 4.98 4.04
CA ASP A 90 7.62 4.68 4.52
C ASP A 90 8.41 3.97 3.41
N LYS A 91 8.76 4.73 2.36
CA LYS A 91 9.55 4.30 1.17
C LYS A 91 10.83 3.60 1.60
N ASN A 92 11.50 4.16 2.61
CA ASN A 92 12.89 3.81 3.05
C ASN A 92 12.82 2.86 4.26
N GLY A 93 11.63 2.60 4.79
CA GLY A 93 11.39 1.63 5.89
C GLY A 93 12.18 1.99 7.13
N VAL A 94 11.86 3.13 7.75
CA VAL A 94 12.68 3.78 8.82
C VAL A 94 11.90 3.90 10.14
N CYS A 95 10.61 3.52 10.14
CA CYS A 95 9.71 3.61 11.33
C CYS A 95 8.69 2.45 11.33
N ILE A 96 8.94 1.40 10.55
CA ILE A 96 7.97 0.29 10.28
C ILE A 96 7.22 0.00 11.59
N ASP A 97 7.98 -0.07 12.70
CA ASP A 97 7.47 -0.21 14.09
C ASP A 97 6.16 0.56 14.23
N SER A 98 6.29 1.86 14.54
CA SER A 98 5.28 2.68 15.25
C SER A 98 4.15 3.08 14.31
N ILE A 99 4.24 2.72 13.03
CA ILE A 99 3.12 2.85 12.04
C ILE A 99 2.19 1.63 12.19
N LEU A 100 2.73 0.41 12.33
CA LEU A 100 1.94 -0.84 12.43
C LEU A 100 1.27 -0.90 13.80
N LYS A 101 1.93 -0.31 14.82
CA LYS A 101 1.45 -0.23 16.23
C LYS A 101 0.48 0.95 16.41
N LEU A 102 0.00 1.56 15.32
CA LEU A 102 -1.19 2.46 15.31
C LEU A 102 -2.45 1.63 15.01
N GLY A 103 -2.29 0.38 14.54
CA GLY A 103 -3.39 -0.60 14.44
C GLY A 103 -3.47 -1.27 13.09
N PHE A 104 -2.57 -0.95 12.17
CA PHE A 104 -2.54 -1.55 10.81
C PHE A 104 -1.95 -2.96 10.91
N SER A 105 -2.72 -3.96 10.49
CA SER A 105 -2.21 -5.31 10.19
C SER A 105 -0.83 -5.18 9.52
N PHE A 106 -0.80 -4.66 8.29
CA PHE A 106 0.38 -4.67 7.39
C PHE A 106 0.77 -3.27 6.93
N ILE A 107 2.04 -3.10 6.56
CA ILE A 107 2.57 -1.92 5.82
C ILE A 107 3.14 -2.38 4.47
N GLU A 108 3.18 -1.50 3.48
CA GLU A 108 3.89 -1.68 2.19
C GLU A 108 5.01 -0.65 2.12
N ILE A 109 6.25 -1.13 2.03
CA ILE A 109 7.45 -0.25 1.93
C ILE A 109 7.97 -0.25 0.50
N GLY A 110 8.83 0.71 0.20
CA GLY A 110 9.11 1.15 -1.17
C GLY A 110 8.07 2.18 -1.59
N THR A 111 7.96 2.42 -2.91
CA THR A 111 8.72 1.69 -3.92
C THR A 111 10.21 2.00 -3.77
N ILE A 112 11.04 1.01 -4.10
CA ILE A 112 12.53 1.02 -3.98
C ILE A 112 13.14 0.54 -5.33
N THR A 113 13.99 1.37 -5.92
CA THR A 113 14.76 1.08 -7.16
C THR A 113 16.13 0.52 -6.77
N PRO A 114 16.75 -0.34 -7.62
CA PRO A 114 18.03 -0.94 -7.26
C PRO A 114 19.00 0.17 -6.82
N ARG A 115 19.05 1.27 -7.60
CA ARG A 115 19.84 2.50 -7.32
C ARG A 115 18.93 3.61 -6.75
N GLY A 116 19.10 3.95 -5.47
CA GLY A 116 18.36 4.98 -4.72
C GLY A 116 18.52 6.38 -5.27
N GLN A 117 17.42 7.17 -5.27
CA GLN A 117 17.26 8.47 -5.99
C GLN A 117 16.74 9.54 -5.00
N THR A 118 17.20 10.79 -5.15
CA THR A 118 16.74 12.00 -4.40
C THR A 118 15.36 12.45 -4.91
N GLY A 119 15.00 12.00 -6.14
CA GLY A 119 13.70 12.24 -6.79
C GLY A 119 13.56 13.69 -7.18
N ASN A 120 12.46 14.05 -7.86
CA ASN A 120 12.23 15.40 -8.44
C ASN A 120 12.52 16.48 -7.37
N ALA A 121 12.69 17.73 -7.81
CA ALA A 121 13.02 18.88 -6.93
C ALA A 121 11.80 19.25 -6.08
N LYS A 122 12.03 19.89 -4.93
CA LYS A 122 11.00 20.13 -3.90
C LYS A 122 10.38 21.51 -4.06
N PRO A 123 9.22 21.80 -3.43
CA PRO A 123 8.34 20.78 -2.87
C PRO A 123 7.59 20.00 -3.97
N ARG A 124 7.20 18.74 -3.70
CA ARG A 124 6.65 17.77 -4.70
C ARG A 124 5.40 17.03 -4.21
N ILE A 125 4.99 17.33 -2.98
CA ILE A 125 3.81 16.72 -2.30
C ILE A 125 2.93 17.87 -1.81
N PHE A 126 1.77 18.04 -2.45
CA PHE A 126 0.85 19.14 -2.12
C PHE A 126 -0.50 18.59 -1.66
N ARG A 127 -1.02 19.03 -0.52
CA ARG A 127 -2.29 18.41 -0.03
C ARG A 127 -3.44 19.42 0.01
N ASP A 128 -4.59 19.00 -0.52
CA ASP A 128 -5.84 19.82 -0.49
C ASP A 128 -6.53 19.46 0.83
N VAL A 129 -7.07 20.45 1.55
CA VAL A 129 -7.68 20.16 2.88
C VAL A 129 -9.20 20.01 2.73
N GLU A 130 -9.81 20.74 1.80
CA GLU A 130 -11.28 20.66 1.52
C GLU A 130 -11.54 19.36 0.78
N SER A 131 -11.03 19.24 -0.44
CA SER A 131 -11.24 18.07 -1.33
C SER A 131 -10.53 16.81 -0.80
N ARG A 132 -9.84 16.90 0.35
CA ARG A 132 -9.02 15.83 0.98
C ARG A 132 -8.24 15.05 -0.08
N SER A 133 -7.51 15.75 -0.96
CA SER A 133 -6.76 15.17 -2.11
C SER A 133 -5.28 15.53 -2.02
N ILE A 134 -4.42 14.74 -2.65
CA ILE A 134 -2.95 14.94 -2.63
C ILE A 134 -2.43 14.75 -4.06
N ILE A 135 -1.55 15.64 -4.51
CA ILE A 135 -0.85 15.54 -5.83
C ILE A 135 0.64 15.53 -5.52
N ASN A 136 1.37 14.61 -6.15
CA ASN A 136 2.83 14.46 -5.95
C ASN A 136 3.49 14.13 -7.29
N SER A 137 4.69 14.71 -7.47
CA SER A 137 5.71 14.36 -8.47
C SER A 137 7.03 14.04 -7.73
N CYS A 138 7.00 13.04 -6.84
CA CYS A 138 8.12 12.64 -5.94
C CYS A 138 9.32 12.20 -6.78
N GLY A 139 9.05 11.35 -7.78
CA GLY A 139 10.04 10.78 -8.72
C GLY A 139 10.69 9.53 -8.17
N PHE A 140 9.97 8.80 -7.30
CA PHE A 140 10.41 7.52 -6.66
C PHE A 140 11.65 7.75 -5.78
N ASN A 141 11.74 8.89 -5.10
CA ASN A 141 12.86 9.17 -4.18
C ASN A 141 12.95 8.02 -3.16
N ASN A 142 14.07 7.30 -3.13
CA ASN A 142 14.32 6.21 -2.14
C ASN A 142 15.83 6.17 -1.84
N MET A 143 16.22 5.57 -0.72
CA MET A 143 17.65 5.47 -0.31
C MET A 143 18.31 4.28 -1.02
N GLY A 144 17.55 3.52 -1.83
CA GLY A 144 18.06 2.45 -2.71
C GLY A 144 17.91 1.07 -2.08
N CYS A 145 17.51 0.07 -2.88
CA CYS A 145 17.22 -1.33 -2.45
C CYS A 145 18.21 -1.78 -1.37
N ASP A 146 19.50 -1.43 -1.52
CA ASP A 146 20.59 -1.80 -0.56
C ASP A 146 20.26 -1.25 0.83
N LYS A 147 20.26 0.06 1.01
CA LYS A 147 20.10 0.70 2.34
C LYS A 147 18.79 0.23 2.99
N VAL A 148 17.71 0.16 2.20
CA VAL A 148 16.36 -0.26 2.70
C VAL A 148 16.46 -1.67 3.27
N THR A 149 16.74 -2.69 2.45
CA THR A 149 16.87 -4.11 2.89
C THR A 149 17.41 -4.18 4.34
N GLU A 150 18.48 -3.43 4.63
CA GLU A 150 19.17 -3.39 5.96
C GLU A 150 18.20 -2.84 7.02
N ASN A 151 17.40 -1.83 6.68
CA ASN A 151 16.40 -1.16 7.57
C ASN A 151 15.24 -2.13 7.89
N LEU A 152 14.89 -3.01 6.94
CA LEU A 152 13.80 -4.01 7.08
C LEU A 152 14.28 -5.15 7.95
N ILE A 153 15.44 -5.74 7.61
CA ILE A 153 16.14 -6.83 8.37
C ILE A 153 16.15 -6.45 9.85
N LEU A 154 16.75 -5.29 10.20
CA LEU A 154 16.83 -4.76 11.58
C LEU A 154 15.47 -4.81 12.27
N PHE A 155 14.37 -4.68 11.52
CA PHE A 155 12.98 -4.82 12.03
C PHE A 155 12.59 -6.29 12.24
N ARG A 156 12.70 -7.14 11.22
CA ARG A 156 12.42 -8.60 11.26
C ARG A 156 13.10 -9.22 12.48
N LYS A 157 14.24 -8.65 12.87
CA LYS A 157 14.92 -8.92 14.17
C LYS A 157 14.02 -8.36 15.29
N ARG A 158 13.80 -7.04 15.32
CA ARG A 158 12.92 -6.35 16.30
C ARG A 158 11.58 -7.14 16.40
N GLN A 159 11.09 -7.69 15.29
CA GLN A 159 9.76 -8.36 15.15
C GLN A 159 9.66 -9.59 16.06
N GLU A 160 10.75 -10.35 16.22
CA GLU A 160 10.79 -11.57 17.07
C GLU A 160 10.72 -11.14 18.54
N GLU A 161 11.60 -10.23 18.98
CA GLU A 161 11.63 -9.66 20.36
C GLU A 161 10.26 -9.06 20.73
N ASP A 162 9.87 -7.95 20.08
CA ASP A 162 8.63 -7.20 20.37
C ASP A 162 7.42 -8.12 20.14
N LYS A 163 6.45 -8.08 21.07
CA LYS A 163 5.13 -8.75 20.95
C LYS A 163 4.40 -8.20 19.71
N LEU A 164 4.17 -6.89 19.73
CA LEU A 164 3.11 -6.16 18.98
C LEU A 164 3.42 -6.16 17.47
N LEU A 165 4.39 -6.97 17.01
CA LEU A 165 4.74 -7.09 15.57
C LEU A 165 4.64 -8.56 15.12
N SER A 166 4.20 -9.45 16.00
CA SER A 166 3.82 -10.85 15.65
C SER A 166 2.63 -10.80 14.70
N LYS A 167 2.77 -11.39 13.51
CA LYS A 167 1.70 -11.68 12.51
C LYS A 167 1.50 -10.49 11.56
N HIS A 168 2.03 -9.31 11.90
CA HIS A 168 1.98 -8.07 11.08
C HIS A 168 2.82 -8.27 9.80
N ILE A 169 2.16 -8.20 8.64
CA ILE A 169 2.74 -8.40 7.28
C ILE A 169 3.45 -7.14 6.79
N VAL A 170 4.72 -7.26 6.38
CA VAL A 170 5.43 -6.24 5.55
C VAL A 170 5.54 -6.80 4.13
N GLY A 171 4.94 -6.11 3.17
CA GLY A 171 5.29 -6.25 1.75
C GLY A 171 6.41 -5.28 1.42
N VAL A 172 6.88 -5.33 0.17
CA VAL A 172 7.81 -4.34 -0.42
C VAL A 172 7.35 -4.03 -1.83
N SER A 173 7.16 -2.74 -2.14
CA SER A 173 6.95 -2.22 -3.51
C SER A 173 8.33 -2.04 -4.16
N ILE A 174 8.48 -2.53 -5.39
CA ILE A 174 9.72 -2.38 -6.21
C ILE A 174 9.32 -1.77 -7.56
N GLY A 175 10.22 -0.97 -8.12
CA GLY A 175 10.14 -0.42 -9.49
C GLY A 175 11.48 -0.48 -10.20
N LYS A 176 11.62 0.27 -11.30
CA LYS A 176 12.89 0.46 -12.06
C LYS A 176 13.51 1.85 -11.82
N ASN A 177 14.85 1.95 -11.83
CA ASN A 177 15.60 3.23 -11.87
C ASN A 177 14.96 4.15 -12.93
N LYS A 178 15.27 5.44 -12.93
CA LYS A 178 14.70 6.44 -13.88
C LYS A 178 15.25 6.02 -15.26
N ASP A 179 16.52 6.30 -15.54
CA ASP A 179 17.27 5.71 -16.68
C ASP A 179 17.63 4.27 -16.29
N THR A 180 16.88 3.29 -16.80
CA THR A 180 17.07 1.84 -16.51
C THR A 180 17.77 1.18 -17.70
N VAL A 181 18.77 0.34 -17.43
CA VAL A 181 19.42 -0.51 -18.48
C VAL A 181 18.31 -1.41 -19.04
N ASN A 182 17.68 -2.21 -18.17
CA ASN A 182 16.50 -3.06 -18.48
C ASN A 182 15.56 -3.04 -17.28
N ILE A 183 14.24 -2.95 -17.52
CA ILE A 183 13.19 -2.88 -16.46
C ILE A 183 13.33 -4.09 -15.54
N VAL A 184 13.19 -5.28 -16.12
CA VAL A 184 13.22 -6.60 -15.43
C VAL A 184 14.40 -6.61 -14.45
N ASP A 185 15.60 -6.31 -14.95
CA ASP A 185 16.89 -6.54 -14.24
C ASP A 185 17.02 -5.58 -13.07
N ASP A 186 16.18 -4.54 -13.03
CA ASP A 186 16.13 -3.57 -11.90
C ASP A 186 15.34 -4.20 -10.75
N LEU A 187 14.23 -4.88 -11.05
CA LEU A 187 13.45 -5.70 -10.09
C LEU A 187 14.36 -6.83 -9.58
N LYS A 188 14.96 -7.56 -10.54
CA LYS A 188 15.78 -8.79 -10.33
C LYS A 188 16.82 -8.54 -9.23
N TYR A 189 17.58 -7.46 -9.35
CA TYR A 189 18.51 -7.00 -8.28
C TYR A 189 17.75 -6.87 -6.96
N CYS A 190 16.55 -6.27 -7.01
CA CYS A 190 15.71 -5.88 -5.83
C CYS A 190 15.23 -7.10 -5.06
N ILE A 191 14.60 -8.06 -5.74
CA ILE A 191 14.20 -9.36 -5.13
C ILE A 191 15.44 -9.94 -4.45
N ASN A 192 16.45 -10.29 -5.26
CA ASN A 192 17.76 -10.86 -4.81
C ASN A 192 18.21 -10.22 -3.51
N LYS A 193 18.11 -8.89 -3.40
CA LYS A 193 18.58 -8.14 -2.20
C LYS A 193 17.58 -8.38 -1.06
N ILE A 194 16.29 -8.12 -1.29
CA ILE A 194 15.29 -7.90 -0.20
C ILE A 194 14.27 -9.06 -0.12
N GLY A 195 14.06 -9.81 -1.21
CA GLY A 195 12.99 -10.82 -1.37
C GLY A 195 12.79 -11.71 -0.16
N ARG A 196 13.86 -12.03 0.58
CA ARG A 196 13.90 -12.94 1.77
C ARG A 196 13.08 -12.38 2.95
N TYR A 197 12.91 -11.06 3.03
CA TYR A 197 12.44 -10.34 4.25
C TYR A 197 11.04 -9.75 4.03
N ALA A 198 10.49 -9.87 2.82
CA ALA A 198 9.16 -9.36 2.45
C ALA A 198 8.15 -10.50 2.59
N ASP A 199 6.93 -10.17 2.99
CA ASP A 199 5.78 -11.10 3.06
C ASP A 199 5.07 -11.10 1.70
N TYR A 200 5.30 -10.04 0.94
CA TYR A 200 4.94 -9.98 -0.50
C TYR A 200 5.89 -9.01 -1.20
N ILE A 201 6.05 -9.23 -2.50
CA ILE A 201 6.70 -8.28 -3.43
C ILE A 201 5.59 -7.58 -4.19
N ALA A 202 5.71 -6.25 -4.31
CA ALA A 202 4.86 -5.37 -5.14
C ALA A 202 5.70 -4.80 -6.29
N ILE A 203 5.45 -5.31 -7.49
CA ILE A 203 5.77 -4.62 -8.78
C ILE A 203 4.88 -3.39 -8.81
N ASN A 204 5.37 -2.25 -9.31
CA ASN A 204 4.48 -1.18 -9.83
C ASN A 204 5.00 -0.68 -11.18
N VAL A 205 4.05 -0.49 -12.08
CA VAL A 205 4.21 0.00 -13.48
C VAL A 205 3.42 1.31 -13.59
N SER A 206 3.14 1.91 -12.43
CA SER A 206 2.17 3.01 -12.20
C SER A 206 2.89 4.22 -11.59
N SER A 207 3.68 4.91 -12.41
CA SER A 207 4.42 6.15 -12.05
C SER A 207 3.63 7.35 -12.53
N PRO A 208 3.72 8.52 -11.88
CA PRO A 208 3.19 9.75 -12.45
C PRO A 208 3.95 10.20 -13.70
N GLU A 218 3.30 -2.64 -23.33
CA GLU A 218 2.08 -3.41 -23.72
C GLU A 218 1.73 -4.40 -22.60
N ALA A 219 0.88 -5.39 -22.88
CA ALA A 219 0.51 -6.49 -21.97
C ALA A 219 1.61 -7.57 -21.98
N GLY A 220 2.13 -7.91 -23.16
CA GLY A 220 3.21 -8.91 -23.36
C GLY A 220 4.49 -8.55 -22.63
N LYS A 221 4.82 -7.26 -22.57
CA LYS A 221 6.03 -6.75 -21.85
C LYS A 221 5.76 -6.86 -20.36
N LEU A 222 4.49 -6.75 -19.95
CA LEU A 222 4.05 -6.97 -18.54
C LEU A 222 4.24 -8.45 -18.19
N LYS A 223 3.51 -9.33 -18.89
CA LYS A 223 3.62 -10.81 -18.76
C LYS A 223 5.07 -11.19 -18.50
N ASN A 224 5.99 -10.72 -19.36
CA ASN A 224 7.45 -11.00 -19.25
C ASN A 224 7.92 -10.62 -17.85
N ILE A 225 7.68 -9.36 -17.46
CA ILE A 225 8.08 -8.79 -16.13
C ILE A 225 7.59 -9.73 -15.04
N ILE A 226 6.26 -9.87 -14.91
CA ILE A 226 5.61 -10.78 -13.91
C ILE A 226 6.43 -12.07 -13.84
N LEU A 227 6.50 -12.80 -14.96
CA LEU A 227 7.16 -14.12 -15.10
C LEU A 227 8.59 -13.91 -14.63
N SER A 228 9.23 -12.87 -15.16
CA SER A 228 10.61 -12.41 -14.81
C SER A 228 10.76 -12.39 -13.26
N VAL A 229 9.80 -11.72 -12.62
CA VAL A 229 9.72 -11.57 -11.14
C VAL A 229 9.49 -12.86 -10.36
N LYS A 230 8.52 -13.67 -10.78
CA LYS A 230 8.26 -14.99 -10.16
C LYS A 230 9.55 -15.84 -10.23
N GLU A 231 10.32 -15.74 -11.32
CA GLU A 231 11.52 -16.57 -11.61
C GLU A 231 12.62 -16.35 -10.55
N GLU A 232 12.90 -15.09 -10.22
CA GLU A 232 13.91 -14.74 -9.18
C GLU A 232 13.49 -15.32 -7.84
N ILE A 233 12.19 -15.13 -7.51
CA ILE A 233 11.55 -15.57 -6.24
C ILE A 233 11.63 -17.11 -6.19
N ASP A 234 11.50 -17.76 -7.35
CA ASP A 234 11.68 -19.22 -7.57
C ASP A 234 13.17 -19.60 -7.56
N ASN A 235 14.07 -18.64 -7.80
CA ASN A 235 15.55 -18.82 -7.77
C ASN A 235 16.06 -18.66 -6.32
N LEU A 236 15.44 -17.79 -5.52
CA LEU A 236 15.81 -17.62 -4.10
C LEU A 236 15.67 -18.96 -3.38
N GLU A 237 14.58 -19.68 -3.65
CA GLU A 237 14.18 -20.95 -2.97
C GLU A 237 15.18 -22.08 -3.31
N LYS A 238 15.74 -22.05 -4.53
CA LYS A 238 16.60 -23.14 -5.09
C LYS A 238 18.08 -22.95 -4.71
N ASN A 239 18.52 -21.68 -4.59
CA ASN A 239 19.95 -21.32 -4.40
C ASN A 239 20.23 -21.00 -2.93
N ASN A 240 19.59 -21.72 -2.01
CA ASN A 240 19.81 -21.55 -0.54
C ASN A 240 19.41 -22.85 0.19
N LEU A 277 15.90 -19.24 5.84
CA LEU A 277 15.86 -18.70 4.44
C LEU A 277 14.88 -17.53 4.35
N TRP A 278 13.58 -17.79 4.47
CA TRP A 278 12.52 -16.75 4.56
C TRP A 278 12.48 -16.22 5.99
N PHE A 279 13.14 -15.09 6.26
CA PHE A 279 13.22 -14.43 7.59
C PHE A 279 12.09 -13.42 7.74
N ASN A 280 10.94 -13.70 7.12
CA ASN A 280 9.75 -12.81 7.07
C ASN A 280 8.76 -13.25 8.15
N THR A 281 7.45 -12.97 7.98
CA THR A 281 6.37 -13.23 8.96
C THR A 281 5.64 -14.53 8.60
N THR A 282 5.32 -14.75 7.31
CA THR A 282 4.89 -16.07 6.72
C THR A 282 5.98 -17.14 6.91
N LYS A 283 7.25 -16.73 6.73
CA LYS A 283 8.44 -17.61 6.69
C LYS A 283 8.35 -18.42 5.40
N LYS A 284 7.53 -17.99 4.45
CA LYS A 284 7.38 -18.61 3.11
C LYS A 284 7.80 -17.59 2.04
N LYS A 285 7.80 -18.01 0.77
CA LYS A 285 8.23 -17.16 -0.38
C LYS A 285 7.22 -16.03 -0.55
N PRO A 286 7.67 -14.80 -0.86
CA PRO A 286 6.77 -13.66 -0.96
C PRO A 286 5.83 -13.80 -2.16
N LEU A 287 4.55 -13.50 -1.96
CA LEU A 287 3.58 -13.43 -3.08
C LEU A 287 3.98 -12.27 -4.00
N VAL A 288 3.58 -12.38 -5.27
CA VAL A 288 3.83 -11.37 -6.34
C VAL A 288 2.52 -10.61 -6.59
N PHE A 289 2.46 -9.34 -6.15
CA PHE A 289 1.38 -8.40 -6.51
C PHE A 289 1.93 -7.36 -7.48
N VAL A 290 1.10 -6.94 -8.41
CA VAL A 290 1.37 -5.80 -9.33
C VAL A 290 0.45 -4.65 -8.88
N LYS A 291 0.95 -3.42 -8.93
CA LYS A 291 0.20 -2.19 -8.56
C LYS A 291 -0.14 -1.37 -9.82
N LEU A 292 -1.35 -1.54 -10.35
CA LEU A 292 -1.81 -0.91 -11.62
C LEU A 292 -2.12 0.58 -11.38
N ALA A 293 -2.47 1.33 -12.43
CA ALA A 293 -2.96 2.72 -12.35
C ALA A 293 -4.35 2.77 -12.96
N PRO A 294 -5.19 3.76 -12.60
CA PRO A 294 -6.60 3.77 -13.02
C PRO A 294 -6.79 4.39 -14.41
N ASP A 295 -5.73 5.04 -14.93
CA ASP A 295 -5.72 5.72 -16.24
C ASP A 295 -5.28 4.69 -17.29
N LEU A 296 -6.26 3.93 -17.76
CA LEU A 296 -6.18 2.93 -18.86
C LEU A 296 -7.59 2.79 -19.45
N ASN A 297 -7.70 2.32 -20.69
CA ASN A 297 -9.01 2.06 -21.35
C ASN A 297 -9.40 0.61 -21.08
N GLN A 298 -10.70 0.31 -21.19
CA GLN A 298 -11.26 -1.07 -21.14
C GLN A 298 -10.30 -2.00 -21.90
N GLU A 299 -10.06 -1.69 -23.18
CA GLU A 299 -9.19 -2.46 -24.11
C GLU A 299 -7.88 -2.80 -23.38
N GLN A 300 -7.06 -1.80 -23.05
CA GLN A 300 -5.79 -1.97 -22.31
C GLN A 300 -6.04 -2.86 -21.08
N LYS A 301 -7.14 -2.63 -20.35
CA LYS A 301 -7.43 -3.31 -19.06
C LYS A 301 -7.63 -4.82 -19.31
N LYS A 302 -8.62 -5.20 -20.12
CA LYS A 302 -8.98 -6.62 -20.44
C LYS A 302 -7.75 -7.36 -20.99
N GLU A 303 -6.91 -6.66 -21.76
CA GLU A 303 -5.62 -7.18 -22.33
C GLU A 303 -4.68 -7.51 -21.17
N ILE A 304 -4.75 -6.75 -20.08
CA ILE A 304 -3.92 -6.95 -18.86
C ILE A 304 -4.49 -8.15 -18.11
N ALA A 305 -5.74 -8.05 -17.63
CA ALA A 305 -6.44 -9.09 -16.84
C ALA A 305 -6.00 -10.48 -17.30
N ASP A 306 -6.04 -10.74 -18.61
CA ASP A 306 -5.70 -12.05 -19.24
C ASP A 306 -4.28 -12.47 -18.85
N VAL A 307 -3.31 -11.55 -19.02
CA VAL A 307 -1.90 -11.76 -18.59
C VAL A 307 -1.90 -12.30 -17.15
N LEU A 308 -2.71 -11.69 -16.28
CA LEU A 308 -2.68 -11.92 -14.81
C LEU A 308 -3.06 -13.37 -14.53
N LEU A 309 -4.13 -13.81 -15.20
CA LEU A 309 -4.63 -15.22 -15.16
C LEU A 309 -3.58 -16.12 -15.84
N GLU A 310 -3.02 -15.68 -16.98
CA GLU A 310 -1.93 -16.35 -17.74
C GLU A 310 -0.67 -16.48 -16.86
N THR A 311 -0.29 -15.42 -16.17
CA THR A 311 0.80 -15.39 -15.15
C THR A 311 0.33 -16.01 -13.84
N ASN A 312 -0.98 -16.25 -13.69
CA ASN A 312 -1.57 -17.01 -12.56
C ASN A 312 -1.37 -16.16 -11.30
N ILE A 313 -1.24 -14.83 -11.47
CA ILE A 313 -0.54 -13.90 -10.52
C ILE A 313 -1.25 -13.94 -9.16
N ASP A 314 -0.46 -13.80 -8.08
CA ASP A 314 -0.91 -13.95 -6.67
C ASP A 314 -1.94 -12.87 -6.36
N GLY A 315 -1.79 -11.67 -6.90
CA GLY A 315 -2.83 -10.63 -6.79
C GLY A 315 -2.39 -9.30 -7.39
N MET A 316 -3.36 -8.44 -7.67
CA MET A 316 -3.18 -7.01 -8.03
C MET A 316 -3.33 -6.14 -6.76
N ILE A 317 -3.04 -4.84 -6.86
CA ILE A 317 -3.14 -3.82 -5.77
C ILE A 317 -3.85 -2.58 -6.32
N ILE A 318 -5.03 -2.77 -6.92
CA ILE A 318 -5.87 -1.70 -7.52
C ILE A 318 -6.12 -0.61 -6.46
N SER A 319 -5.56 0.61 -6.63
CA SER A 319 -4.81 1.06 -7.78
C SER A 319 -3.61 1.89 -7.29
N ASN A 320 -3.17 2.87 -8.08
CA ASN A 320 -2.13 3.87 -7.68
C ASN A 320 -2.74 5.27 -7.78
N THR A 321 -1.99 6.27 -8.26
CA THR A 321 -2.44 7.67 -8.40
C THR A 321 -2.88 7.94 -9.84
N THR A 322 -4.13 8.36 -10.02
CA THR A 322 -4.69 8.83 -11.31
C THR A 322 -3.96 10.12 -11.70
N THR A 323 -4.10 10.54 -12.96
CA THR A 323 -3.64 11.86 -13.48
C THR A 323 -4.78 12.58 -14.24
N GLN A 324 -6.01 12.05 -14.22
CA GLN A 324 -7.11 12.59 -15.05
C GLN A 324 -8.11 13.32 -14.14
N ILE A 325 -7.62 14.14 -13.21
CA ILE A 325 -8.45 14.96 -12.28
C ILE A 325 -7.95 16.42 -12.28
N ASN A 326 -8.72 17.33 -12.90
CA ASN A 326 -8.36 18.78 -13.05
C ASN A 326 -9.55 19.65 -12.63
N ASP A 327 -10.29 19.24 -11.60
CA ASP A 327 -11.38 20.04 -10.97
C ASP A 327 -10.81 20.74 -9.73
N ILE A 328 -9.59 20.39 -9.33
CA ILE A 328 -9.00 20.81 -8.04
C ILE A 328 -8.19 22.09 -8.26
N LYS A 329 -8.76 23.24 -7.81
CA LYS A 329 -8.17 24.61 -7.95
C LYS A 329 -6.69 24.56 -7.57
N SER A 330 -6.37 24.51 -6.27
CA SER A 330 -4.98 24.54 -5.73
C SER A 330 -4.00 23.76 -6.63
N PHE A 331 -4.46 22.70 -7.31
CA PHE A 331 -3.58 21.79 -8.08
C PHE A 331 -3.55 22.18 -9.57
N GLU A 332 -4.22 23.24 -9.98
CA GLU A 332 -4.21 23.53 -11.44
C GLU A 332 -2.79 23.84 -11.93
N ASN A 333 -1.95 24.43 -11.07
CA ASN A 333 -0.56 24.82 -11.46
C ASN A 333 0.43 23.68 -11.19
N LYS A 334 -0.07 22.51 -10.75
CA LYS A 334 0.80 21.35 -10.45
C LYS A 334 0.67 20.18 -11.42
N LYS A 335 1.75 19.41 -11.50
CA LYS A 335 1.87 18.14 -12.27
C LYS A 335 2.05 16.96 -11.30
N GLY A 336 1.71 15.76 -11.75
CA GLY A 336 1.86 14.51 -10.97
C GLY A 336 0.53 13.81 -10.76
N GLY A 337 0.56 12.69 -10.04
CA GLY A 337 -0.60 11.81 -9.84
C GLY A 337 -1.32 12.13 -8.54
N VAL A 338 -2.65 12.04 -8.54
CA VAL A 338 -3.50 12.46 -7.38
C VAL A 338 -3.98 11.23 -6.61
N SER A 339 -3.92 11.32 -5.28
CA SER A 339 -4.39 10.31 -4.32
C SER A 339 -5.35 10.97 -3.34
N GLY A 340 -6.45 10.30 -2.99
CA GLY A 340 -7.42 10.80 -1.99
C GLY A 340 -8.84 10.77 -2.50
N ALA A 341 -9.66 11.72 -2.08
CA ALA A 341 -11.13 11.64 -2.20
C ALA A 341 -11.50 11.53 -3.68
N LYS A 342 -10.93 12.40 -4.52
CA LYS A 342 -11.30 12.53 -5.95
C LYS A 342 -10.84 11.30 -6.73
N LEU A 343 -10.04 10.42 -6.12
CA LEU A 343 -9.52 9.16 -6.73
C LEU A 343 -10.25 7.92 -6.17
N LYS A 344 -10.98 8.03 -5.05
CA LYS A 344 -11.82 6.92 -4.51
C LYS A 344 -12.67 6.34 -5.66
N ASP A 345 -13.77 7.03 -6.00
CA ASP A 345 -14.80 6.62 -6.99
C ASP A 345 -14.15 5.87 -8.15
N ILE A 346 -13.24 6.56 -8.86
CA ILE A 346 -12.48 6.05 -10.03
C ILE A 346 -11.93 4.65 -9.76
N SER A 347 -11.46 4.41 -8.53
CA SER A 347 -10.70 3.21 -8.06
C SER A 347 -11.67 2.11 -7.57
N THR A 348 -12.87 2.50 -7.14
CA THR A 348 -13.96 1.56 -6.79
C THR A 348 -14.62 1.06 -8.07
N LYS A 349 -14.53 1.80 -9.17
CA LYS A 349 -14.98 1.27 -10.50
C LYS A 349 -13.85 0.42 -11.12
N PHE A 350 -12.59 0.71 -10.80
CA PHE A 350 -11.41 0.01 -11.35
C PHE A 350 -11.25 -1.40 -10.72
N ILE A 351 -11.83 -1.64 -9.53
CA ILE A 351 -11.86 -2.99 -8.89
C ILE A 351 -13.02 -3.77 -9.52
N CYS A 352 -14.14 -3.10 -9.76
CA CYS A 352 -15.40 -3.72 -10.24
C CYS A 352 -15.33 -4.06 -11.73
N GLU A 353 -14.30 -3.58 -12.44
CA GLU A 353 -14.02 -3.98 -13.84
C GLU A 353 -13.00 -5.12 -13.80
N MET A 354 -11.84 -4.90 -13.17
CA MET A 354 -10.74 -5.89 -13.11
C MET A 354 -11.12 -7.07 -12.22
N TYR A 355 -12.24 -6.99 -11.50
CA TYR A 355 -12.87 -8.15 -10.80
C TYR A 355 -13.53 -9.03 -11.87
N ASN A 356 -14.44 -8.42 -12.64
CA ASN A 356 -15.30 -9.06 -13.69
C ASN A 356 -14.43 -9.78 -14.73
N TYR A 357 -13.38 -9.14 -15.23
CA TYR A 357 -12.53 -9.66 -16.33
C TYR A 357 -11.76 -10.89 -15.83
N THR A 358 -11.04 -10.78 -14.71
CA THR A 358 -10.28 -11.91 -14.09
C THR A 358 -11.26 -12.98 -13.60
N ASN A 359 -12.57 -12.67 -13.61
CA ASN A 359 -13.67 -13.63 -13.32
C ASN A 359 -13.54 -14.14 -11.88
N LYS A 360 -13.22 -13.24 -10.93
CA LYS A 360 -13.15 -13.47 -9.46
C LYS A 360 -11.94 -14.36 -9.07
N GLN A 361 -10.91 -14.44 -9.93
CA GLN A 361 -9.82 -15.43 -9.80
C GLN A 361 -8.58 -14.82 -9.15
N ILE A 362 -8.43 -13.49 -9.18
CA ILE A 362 -7.23 -12.77 -8.69
C ILE A 362 -7.60 -11.97 -7.45
N PRO A 363 -6.93 -12.20 -6.28
CA PRO A 363 -7.12 -11.37 -5.10
C PRO A 363 -6.65 -9.92 -5.28
N ILE A 364 -7.39 -8.97 -4.70
CA ILE A 364 -7.23 -7.50 -4.95
C ILE A 364 -7.04 -6.80 -3.61
N ILE A 365 -6.00 -5.96 -3.50
CA ILE A 365 -5.82 -4.99 -2.37
C ILE A 365 -6.25 -3.60 -2.85
N ALA A 366 -7.28 -3.04 -2.23
CA ALA A 366 -7.76 -1.66 -2.48
C ALA A 366 -6.71 -0.65 -1.98
N SER A 367 -6.60 0.45 -2.73
CA SER A 367 -5.89 1.71 -2.43
C SER A 367 -6.49 2.77 -3.35
N GLY A 368 -6.90 3.92 -2.81
CA GLY A 368 -7.57 4.96 -3.62
C GLY A 368 -8.76 5.55 -2.89
N GLY A 369 -8.46 6.49 -1.99
CA GLY A 369 -9.44 7.35 -1.31
C GLY A 369 -10.29 6.57 -0.31
N ILE A 370 -9.65 5.84 0.59
CA ILE A 370 -10.32 5.12 1.71
C ILE A 370 -10.10 5.94 2.99
N PHE A 371 -11.18 6.29 3.70
CA PHE A 371 -11.21 7.22 4.86
C PHE A 371 -12.12 6.66 5.96
N SER A 372 -13.38 6.38 5.60
CA SER A 372 -14.43 5.83 6.50
C SER A 372 -14.61 4.34 6.26
N GLY A 373 -15.08 3.63 7.29
CA GLY A 373 -15.41 2.20 7.25
C GLY A 373 -16.36 1.86 6.12
N LEU A 374 -17.17 2.84 5.73
CA LEU A 374 -18.06 2.80 4.53
C LEU A 374 -17.22 2.79 3.25
N ASP A 375 -16.26 3.72 3.15
CA ASP A 375 -15.31 3.83 2.00
C ASP A 375 -14.60 2.49 1.80
N ALA A 376 -14.27 1.81 2.91
CA ALA A 376 -13.49 0.55 2.96
C ALA A 376 -14.37 -0.64 2.53
N LEU A 377 -15.61 -0.65 3.01
CA LEU A 377 -16.63 -1.69 2.71
C LEU A 377 -16.96 -1.67 1.21
N GLU A 378 -17.15 -0.48 0.63
CA GLU A 378 -17.40 -0.26 -0.82
C GLU A 378 -16.36 -0.96 -1.70
N LYS A 379 -15.12 -1.05 -1.20
CA LYS A 379 -13.95 -1.66 -1.90
C LYS A 379 -14.03 -3.20 -1.81
N ILE A 380 -14.36 -3.71 -0.63
CA ILE A 380 -14.54 -5.17 -0.39
C ILE A 380 -15.69 -5.64 -1.28
N GLU A 381 -16.91 -5.18 -1.03
CA GLU A 381 -18.14 -5.54 -1.78
C GLU A 381 -17.94 -5.40 -3.31
N ALA A 382 -17.01 -4.55 -3.74
CA ALA A 382 -16.52 -4.46 -5.14
C ALA A 382 -15.67 -5.70 -5.43
N GLY A 383 -14.73 -6.03 -4.51
CA GLY A 383 -13.96 -7.29 -4.51
C GLY A 383 -12.60 -7.19 -3.83
N ALA A 384 -12.34 -6.20 -2.99
CA ALA A 384 -11.00 -6.00 -2.38
C ALA A 384 -10.92 -6.72 -1.02
N SER A 385 -10.19 -7.85 -1.00
CA SER A 385 -9.95 -8.68 0.21
C SER A 385 -9.16 -7.91 1.28
N VAL A 386 -8.51 -6.78 0.93
CA VAL A 386 -7.71 -5.98 1.91
C VAL A 386 -7.83 -4.50 1.55
N CYS A 387 -7.40 -3.61 2.47
CA CYS A 387 -7.40 -2.13 2.32
C CYS A 387 -6.07 -1.55 2.81
N GLN A 388 -5.39 -0.82 1.92
CA GLN A 388 -4.25 0.08 2.23
C GLN A 388 -4.78 1.52 2.37
N LEU A 389 -4.34 2.22 3.42
CA LEU A 389 -4.63 3.67 3.63
C LEU A 389 -3.39 4.46 3.28
N TYR A 390 -3.55 5.66 2.72
CA TYR A 390 -2.46 6.67 2.64
C TYR A 390 -3.03 8.05 2.98
N SER A 391 -3.95 8.57 2.18
CA SER A 391 -4.44 9.97 2.30
C SER A 391 -5.18 10.09 3.63
N CYS A 392 -5.91 9.05 4.03
CA CYS A 392 -6.60 8.94 5.33
C CYS A 392 -5.73 9.54 6.44
N LEU A 393 -4.50 9.03 6.54
CA LEU A 393 -3.54 9.36 7.63
C LEU A 393 -3.15 10.82 7.52
N VAL A 394 -2.91 11.30 6.30
CA VAL A 394 -2.54 12.71 6.04
C VAL A 394 -3.60 13.64 6.64
N PHE A 395 -4.88 13.25 6.54
CA PHE A 395 -6.03 14.16 6.74
C PHE A 395 -6.68 13.90 8.10
N ASN A 396 -6.98 12.63 8.40
CA ASN A 396 -7.78 12.22 9.59
C ASN A 396 -6.84 11.89 10.75
N GLY A 397 -5.68 11.27 10.48
CA GLY A 397 -4.53 11.24 11.40
C GLY A 397 -4.17 9.85 11.88
N MET A 398 -3.76 9.75 13.16
CA MET A 398 -3.14 8.56 13.79
C MET A 398 -4.23 7.63 14.33
N LYS A 399 -5.41 8.21 14.63
CA LYS A 399 -6.62 7.46 15.04
C LYS A 399 -7.22 6.68 13.87
N SER A 400 -6.75 6.97 12.64
CA SER A 400 -7.31 6.51 11.34
C SER A 400 -7.52 4.98 11.31
N ALA A 401 -6.60 4.20 11.89
CA ALA A 401 -6.75 2.74 12.02
C ALA A 401 -7.90 2.45 12.98
N VAL A 402 -7.83 3.03 14.19
CA VAL A 402 -8.74 2.75 15.34
C VAL A 402 -10.15 3.17 14.95
N GLN A 403 -10.28 4.40 14.48
CA GLN A 403 -11.55 4.98 13.96
C GLN A 403 -12.15 4.09 12.86
N ILE A 404 -11.43 3.85 11.76
CA ILE A 404 -11.99 3.16 10.55
C ILE A 404 -12.32 1.72 10.91
N LYS A 405 -11.50 1.06 11.72
CA LYS A 405 -11.69 -0.36 12.11
C LYS A 405 -13.00 -0.50 12.89
N ARG A 406 -13.14 0.29 13.96
CA ARG A 406 -14.39 0.47 14.77
C ARG A 406 -15.57 0.60 13.81
N GLU A 407 -15.44 1.54 12.85
CA GLU A 407 -16.47 1.98 11.86
C GLU A 407 -16.89 0.81 10.96
N LEU A 408 -15.96 -0.08 10.60
CA LEU A 408 -16.23 -1.22 9.68
C LEU A 408 -17.00 -2.32 10.42
N ASN A 409 -16.47 -2.80 11.54
CA ASN A 409 -17.14 -3.78 12.44
C ASN A 409 -18.59 -3.36 12.68
N HIS A 410 -18.84 -2.07 12.96
CA HIS A 410 -20.20 -1.51 13.19
C HIS A 410 -20.97 -1.40 11.88
N LEU A 411 -20.42 -1.92 10.77
CA LEU A 411 -20.97 -1.75 9.39
C LEU A 411 -21.05 -3.09 8.68
N LEU A 412 -20.13 -4.02 8.94
CA LEU A 412 -20.26 -5.45 8.54
C LEU A 412 -21.41 -6.05 9.35
N TYR A 413 -21.60 -5.59 10.57
CA TYR A 413 -22.78 -5.94 11.40
C TYR A 413 -24.03 -5.42 10.69
N GLN A 414 -24.23 -4.10 10.74
CA GLN A 414 -25.39 -3.40 10.13
C GLN A 414 -25.87 -4.18 8.93
N ARG A 415 -24.94 -4.68 8.11
CA ARG A 415 -25.20 -5.28 6.78
C ARG A 415 -25.46 -6.79 6.91
N GLY A 416 -25.30 -7.34 8.12
CA GLY A 416 -25.51 -8.78 8.39
C GLY A 416 -24.51 -9.63 7.63
N TYR A 417 -23.25 -9.21 7.64
CA TYR A 417 -22.06 -10.02 7.26
C TYR A 417 -21.57 -10.78 8.50
N TYR A 418 -21.54 -12.11 8.44
CA TYR A 418 -21.04 -12.96 9.56
C TYR A 418 -19.54 -12.73 9.75
N ASN A 419 -18.82 -12.55 8.63
CA ASN A 419 -17.39 -12.17 8.61
C ASN A 419 -17.09 -11.37 7.34
N LEU A 420 -15.93 -10.71 7.30
CA LEU A 420 -15.51 -9.81 6.20
C LEU A 420 -15.40 -10.62 4.90
N LYS A 421 -14.74 -11.79 4.95
CA LYS A 421 -14.41 -12.60 3.75
C LYS A 421 -15.72 -12.99 3.04
N GLU A 422 -16.85 -12.99 3.76
CA GLU A 422 -18.20 -13.24 3.21
C GLU A 422 -18.61 -12.07 2.30
N ALA A 423 -18.04 -10.87 2.54
CA ALA A 423 -18.50 -9.59 1.95
C ALA A 423 -17.64 -9.20 0.76
N ILE A 424 -16.62 -9.99 0.42
CA ILE A 424 -15.69 -9.77 -0.72
C ILE A 424 -16.42 -9.97 -2.06
N GLY A 425 -16.60 -8.90 -2.83
CA GLY A 425 -17.14 -8.95 -4.20
C GLY A 425 -18.64 -9.24 -4.22
N ARG A 426 -19.38 -8.79 -3.22
CA ARG A 426 -20.85 -8.98 -3.15
C ARG A 426 -21.60 -7.90 -3.93
N LYS A 427 -20.91 -7.21 -4.84
CA LYS A 427 -21.49 -6.60 -6.07
C LYS A 427 -21.43 -7.67 -7.16
N HIS A 428 -22.55 -8.39 -7.33
CA HIS A 428 -22.72 -9.66 -8.10
C HIS A 428 -21.35 -10.20 -8.53
#